data_4I4K
#
_entry.id   4I4K
#
_cell.length_a   72.715
_cell.length_b   86.901
_cell.length_c   55.265
_cell.angle_alpha   90.00
_cell.angle_beta   121.58
_cell.angle_gamma   90.00
#
_symmetry.space_group_name_H-M   'C 1 2 1'
#
loop_
_entity.id
_entity.type
_entity.pdbx_description
1 polymer 'uncharacterized protein SgcJ'
2 non-polymer 'CITRIC ACID'
3 non-polymer 'TETRAETHYLENE GLYCOL'
4 non-polymer GLYCEROL
5 non-polymer 'PHOSPHATE ION'
6 non-polymer 'PENTAETHYLENE GLYCOL'
7 water water
#
_entity_poly.entity_id   1
_entity_poly.type   'polypeptide(L)'
_entity_poly.pdbx_seq_one_letter_code
;SNA(MSE)TSTDSITSAPDAALAAVAALPARIVAAWADHDADRFADVFAEDGT(MSE)ILPGLFRKGRENIRTH(MSE)A
AAFAGPYKGTRVIGSPIDARLLGDGIALLITEGGILAPGETEASGDGAVRASWLAVEQDGQWRLAAYQNSPRGND
;
_entity_poly.pdbx_strand_id   A,B
#
# COMPACT_ATOMS: atom_id res chain seq x y z
N SER A 6 -8.79 16.18 27.89
CA SER A 6 -9.70 15.05 27.72
C SER A 6 -10.52 14.78 28.98
N THR A 7 -11.82 14.56 28.78
CA THR A 7 -12.70 14.15 29.85
C THR A 7 -13.61 13.07 29.31
N ASP A 8 -14.64 12.71 30.06
CA ASP A 8 -15.57 11.70 29.58
C ASP A 8 -16.40 12.20 28.40
N SER A 9 -16.38 13.51 28.16
CA SER A 9 -17.06 14.06 26.98
C SER A 9 -16.25 14.06 25.67
N ILE A 10 -15.02 13.57 25.69
CA ILE A 10 -14.23 13.47 24.46
C ILE A 10 -14.00 12.06 23.94
N THR A 11 -14.19 11.88 22.65
CA THR A 11 -14.33 10.56 22.09
C THR A 11 -13.04 9.78 22.11
N SER A 12 -13.19 8.47 22.29
CA SER A 12 -12.07 7.56 22.12
C SER A 12 -12.23 6.73 20.85
N ALA A 13 -13.18 7.11 19.99
CA ALA A 13 -13.43 6.33 18.77
C ALA A 13 -12.21 6.15 17.85
N PRO A 14 -11.46 7.22 17.57
CA PRO A 14 -10.27 7.03 16.72
C PRO A 14 -9.30 5.99 17.30
N ASP A 15 -9.07 6.00 18.61
CA ASP A 15 -8.14 5.01 19.17
C ASP A 15 -8.68 3.61 19.07
N ALA A 16 -9.99 3.47 19.24
CA ALA A 16 -10.63 2.16 19.13
C ALA A 16 -10.53 1.68 17.71
N ALA A 17 -10.68 2.61 16.76
CA ALA A 17 -10.54 2.27 15.34
C ALA A 17 -9.15 1.72 15.05
N LEU A 18 -8.13 2.39 15.55
CA LEU A 18 -6.76 1.97 15.25
C LEU A 18 -6.45 0.64 15.90
N ALA A 19 -7.01 0.40 17.07
CA ALA A 19 -6.87 -0.90 17.71
C ALA A 19 -7.55 -1.98 16.87
N ALA A 20 -8.74 -1.70 16.37
CA ALA A 20 -9.47 -2.68 15.55
C ALA A 20 -8.72 -3.03 14.25
N VAL A 21 -8.13 -2.03 13.61
CA VAL A 21 -7.37 -2.30 12.39
C VAL A 21 -6.10 -3.07 12.71
N ALA A 22 -5.48 -2.75 13.86
CA ALA A 22 -4.23 -3.40 14.26
C ALA A 22 -4.44 -4.88 14.57
N ALA A 23 -5.70 -5.26 14.73
CA ALA A 23 -6.05 -6.64 15.02
C ALA A 23 -6.29 -7.47 13.75
N LEU A 24 -6.43 -6.80 12.61
CA LEU A 24 -6.62 -7.51 11.35
C LEU A 24 -5.45 -8.42 10.96
N PRO A 25 -4.20 -7.95 11.17
CA PRO A 25 -3.11 -8.85 10.79
C PRO A 25 -3.16 -10.19 11.53
N ALA A 26 -3.64 -10.23 12.78
CA ALA A 26 -3.67 -11.51 13.50
C ALA A 26 -4.64 -12.48 12.83
N ARG A 27 -5.70 -11.97 12.22
CA ARG A 27 -6.64 -12.83 11.49
C ARG A 27 -5.97 -13.47 10.28
N ILE A 28 -5.14 -12.70 9.61
CA ILE A 28 -4.37 -13.19 8.47
C ILE A 28 -3.30 -14.18 8.92
N VAL A 29 -2.63 -13.88 10.05
CA VAL A 29 -1.59 -14.78 10.54
C VAL A 29 -2.19 -16.14 10.87
N ALA A 30 -3.34 -16.12 11.53
CA ALA A 30 -4.02 -17.36 11.92
C ALA A 30 -4.51 -18.14 10.70
N ALA A 31 -5.05 -17.44 9.71
CA ALA A 31 -5.51 -18.11 8.49
C ALA A 31 -4.31 -18.76 7.81
N TRP A 32 -3.21 -18.03 7.77
CA TRP A 32 -2.02 -18.52 7.10
C TRP A 32 -1.41 -19.74 7.78
N ALA A 33 -1.40 -19.72 9.11
CA ALA A 33 -0.87 -20.83 9.89
C ALA A 33 -1.62 -22.11 9.54
N ASP A 34 -2.91 -21.96 9.23
CA ASP A 34 -3.75 -23.09 8.84
C ASP A 34 -3.93 -23.24 7.33
N HIS A 35 -3.12 -22.55 6.52
N HIS A 35 -3.17 -22.41 6.61
CA HIS A 35 -3.25 -22.57 5.05
CA HIS A 35 -3.18 -22.25 5.15
C HIS A 35 -4.71 -22.45 4.59
C HIS A 35 -4.59 -22.32 4.56
N ASP A 36 -5.44 -21.51 5.18
CA ASP A 36 -6.86 -21.44 4.95
C ASP A 36 -7.16 -20.23 4.06
N ALA A 37 -7.34 -20.46 2.77
CA ALA A 37 -7.53 -19.34 1.86
C ALA A 37 -8.87 -18.69 2.10
N ASP A 38 -9.83 -19.44 2.61
CA ASP A 38 -11.15 -18.87 2.84
C ASP A 38 -11.17 -17.84 3.97
N ARG A 39 -10.62 -18.21 5.11
CA ARG A 39 -10.48 -17.27 6.21
C ARG A 39 -9.59 -16.10 5.85
N PHE A 40 -8.60 -16.35 5.01
CA PHE A 40 -7.73 -15.28 4.52
C PHE A 40 -8.58 -14.28 3.73
N ALA A 41 -9.35 -14.79 2.78
CA ALA A 41 -10.08 -13.88 1.88
C ALA A 41 -11.19 -13.15 2.61
N ASP A 42 -11.73 -13.78 3.65
CA ASP A 42 -12.83 -13.17 4.41
C ASP A 42 -12.43 -11.86 5.12
N VAL A 43 -11.14 -11.62 5.25
CA VAL A 43 -10.67 -10.38 5.87
C VAL A 43 -10.87 -9.21 4.90
N PHE A 44 -10.96 -9.52 3.61
CA PHE A 44 -11.11 -8.50 2.57
C PHE A 44 -12.55 -8.06 2.27
N ALA A 45 -12.69 -6.80 1.87
CA ALA A 45 -13.93 -6.30 1.29
C ALA A 45 -14.22 -7.04 0.01
N GLU A 46 -15.49 -7.00 -0.44
CA GLU A 46 -15.88 -7.76 -1.61
C GLU A 46 -15.10 -7.37 -2.87
N ASP A 47 -14.80 -6.09 -3.00
CA ASP A 47 -13.98 -5.59 -4.10
C ASP A 47 -12.59 -5.15 -3.69
N GLY A 48 -12.08 -5.74 -2.62
CA GLY A 48 -10.76 -5.40 -2.11
C GLY A 48 -9.63 -5.83 -3.04
N THR A 49 -8.48 -5.20 -2.89
CA THR A 49 -7.32 -5.50 -3.75
C THR A 49 -6.14 -6.03 -2.94
N ILE A 51 -1.99 -6.34 -3.71
CA ILE A 51 -0.86 -6.08 -4.59
C ILE A 51 0.41 -6.59 -3.93
N LEU A 52 1.14 -7.45 -4.64
CA LEU A 52 2.44 -7.96 -4.17
C LEU A 52 3.41 -7.74 -5.31
N PRO A 53 4.72 -7.83 -5.04
CA PRO A 53 5.58 -7.91 -6.21
C PRO A 53 5.11 -9.01 -7.13
N GLY A 54 4.84 -8.64 -8.36
CA GLY A 54 4.46 -9.62 -9.35
C GLY A 54 3.02 -10.06 -9.27
N LEU A 55 2.16 -9.33 -8.56
CA LEU A 55 0.77 -9.76 -8.41
C LEU A 55 -0.21 -8.63 -8.18
N PHE A 56 -1.31 -8.65 -8.92
CA PHE A 56 -2.47 -7.83 -8.61
C PHE A 56 -3.74 -8.70 -8.67
N ARG A 57 -4.49 -8.75 -7.58
CA ARG A 57 -5.77 -9.44 -7.56
C ARG A 57 -6.80 -8.47 -7.02
N LYS A 58 -7.97 -8.42 -7.67
CA LYS A 58 -9.07 -7.62 -7.19
C LYS A 58 -10.31 -8.46 -7.01
N GLY A 59 -10.96 -8.28 -5.85
CA GLY A 59 -12.17 -9.03 -5.53
C GLY A 59 -11.87 -10.12 -4.54
N ARG A 60 -12.69 -10.22 -3.50
CA ARG A 60 -12.53 -11.25 -2.47
C ARG A 60 -12.42 -12.66 -3.05
N GLU A 61 -13.30 -13.02 -3.98
N GLU A 61 -13.27 -13.00 -4.01
CA GLU A 61 -13.26 -14.36 -4.59
CA GLU A 61 -13.26 -14.35 -4.56
C GLU A 61 -11.97 -14.59 -5.36
C GLU A 61 -12.01 -14.62 -5.41
N ASN A 62 -11.52 -13.60 -6.11
CA ASN A 62 -10.25 -13.72 -6.84
C ASN A 62 -9.05 -13.86 -5.89
N ILE A 63 -9.12 -13.19 -4.74
CA ILE A 63 -8.05 -13.32 -3.76
C ILE A 63 -8.10 -14.72 -3.16
N ARG A 64 -9.31 -15.20 -2.92
N ARG A 64 -9.30 -15.21 -2.87
CA ARG A 64 -9.55 -16.54 -2.42
CA ARG A 64 -9.47 -16.52 -2.25
C ARG A 64 -8.90 -17.58 -3.33
C ARG A 64 -8.93 -17.60 -3.17
N THR A 65 -9.27 -17.58 -4.60
N THR A 65 -9.24 -17.42 -4.45
CA THR A 65 -8.73 -18.58 -5.52
CA THR A 65 -8.82 -18.39 -5.45
C THR A 65 -7.22 -18.47 -5.65
C THR A 65 -7.31 -18.43 -5.60
N HIS A 66 -6.70 -17.24 -5.64
CA HIS A 66 -5.26 -17.10 -5.71
C HIS A 66 -4.58 -17.72 -4.51
N ALA A 68 -5.73 -19.99 -2.46
CA ALA A 68 -5.90 -21.44 -2.44
C ALA A 68 -4.75 -22.10 -3.22
N ALA A 69 -4.45 -21.58 -4.39
CA ALA A 69 -3.35 -22.10 -5.20
C ALA A 69 -2.00 -21.84 -4.52
N ALA A 70 -1.87 -20.67 -3.90
CA ALA A 70 -0.57 -20.24 -3.37
C ALA A 70 -0.20 -21.06 -2.15
N PHE A 71 -1.20 -21.38 -1.33
CA PHE A 71 -0.98 -22.23 -0.15
C PHE A 71 -0.60 -23.67 -0.53
N ALA A 72 -1.06 -24.13 -1.70
CA ALA A 72 -0.73 -25.46 -2.17
C ALA A 72 0.67 -25.49 -2.78
N GLY A 73 1.16 -24.34 -3.20
CA GLY A 73 2.43 -24.28 -3.87
C GLY A 73 3.49 -23.52 -3.09
N PRO A 74 3.82 -22.30 -3.54
CA PRO A 74 4.91 -21.47 -3.04
C PRO A 74 4.85 -21.17 -1.53
N TYR A 75 3.67 -21.06 -0.95
CA TYR A 75 3.56 -20.71 0.47
C TYR A 75 3.36 -21.93 1.34
N LYS A 76 3.40 -23.11 0.75
CA LYS A 76 3.21 -24.32 1.52
C LYS A 76 4.25 -24.40 2.64
N GLY A 77 3.78 -24.62 3.87
CA GLY A 77 4.66 -24.85 5.00
C GLY A 77 5.28 -23.58 5.59
N THR A 78 4.86 -22.43 5.10
CA THR A 78 5.41 -21.16 5.59
C THR A 78 4.55 -20.57 6.70
N ARG A 79 5.09 -19.57 7.39
N ARG A 79 5.10 -19.58 7.40
CA ARG A 79 4.31 -18.82 8.38
CA ARG A 79 4.34 -18.83 8.40
C ARG A 79 4.58 -17.33 8.24
C ARG A 79 4.59 -17.33 8.24
N VAL A 80 3.70 -16.52 8.82
CA VAL A 80 3.75 -15.06 8.69
C VAL A 80 4.15 -14.47 10.02
N ILE A 81 4.99 -13.43 9.99
CA ILE A 81 5.32 -12.66 11.19
C ILE A 81 5.15 -11.18 10.86
N GLY A 82 4.99 -10.34 11.89
CA GLY A 82 4.86 -8.93 11.59
C GLY A 82 4.60 -8.13 12.85
N SER A 83 4.88 -6.83 12.76
CA SER A 83 4.72 -5.91 13.87
C SER A 83 4.34 -4.58 13.22
N PRO A 84 3.48 -3.79 13.88
CA PRO A 84 3.06 -2.50 13.32
C PRO A 84 4.10 -1.41 13.45
N ILE A 85 4.22 -0.60 12.41
CA ILE A 85 5.10 0.56 12.45
C ILE A 85 4.41 1.92 12.28
N ASP A 86 3.16 1.92 11.81
CA ASP A 86 2.42 3.18 11.71
C ASP A 86 0.92 2.91 11.63
N ALA A 87 0.13 3.78 12.24
CA ALA A 87 -1.33 3.66 12.09
C ALA A 87 -1.94 5.03 12.11
N ARG A 88 -2.87 5.25 11.17
CA ARG A 88 -3.55 6.53 11.06
C ARG A 88 -5.03 6.35 10.75
N LEU A 89 -5.85 7.11 11.45
CA LEU A 89 -7.26 7.16 11.11
C LEU A 89 -7.44 8.25 10.07
N LEU A 90 -7.91 7.91 8.89
CA LEU A 90 -8.09 8.91 7.84
C LEU A 90 -9.45 9.58 7.86
N GLY A 91 -10.47 8.85 8.32
CA GLY A 91 -11.80 9.41 8.44
C GLY A 91 -12.63 8.40 9.21
N ASP A 92 -13.85 8.76 9.58
CA ASP A 92 -14.69 7.80 10.27
C ASP A 92 -14.82 6.54 9.42
N GLY A 93 -14.35 5.41 9.93
CA GLY A 93 -14.52 4.14 9.24
C GLY A 93 -13.44 3.85 8.21
N ILE A 94 -12.37 4.65 8.19
CA ILE A 94 -11.29 4.40 7.25
C ILE A 94 -9.95 4.61 7.92
N ALA A 95 -9.12 3.56 7.95
CA ALA A 95 -7.84 3.65 8.65
C ALA A 95 -6.77 2.93 7.86
N LEU A 96 -5.52 3.32 8.11
CA LEU A 96 -4.40 2.72 7.38
C LEU A 96 -3.37 2.26 8.40
N LEU A 97 -2.98 0.99 8.30
CA LEU A 97 -1.97 0.46 9.20
C LEU A 97 -0.80 0.07 8.32
N ILE A 98 0.43 0.32 8.79
CA ILE A 98 1.60 -0.15 8.07
C ILE A 98 2.34 -1.08 9.02
N THR A 99 2.75 -2.23 8.51
CA THR A 99 3.48 -3.22 9.34
C THR A 99 4.80 -3.59 8.67
N GLU A 100 5.70 -4.22 9.43
CA GLU A 100 6.85 -4.85 8.78
C GLU A 100 6.96 -6.30 9.26
N GLY A 101 7.52 -7.17 8.42
CA GLY A 101 7.63 -8.57 8.77
C GLY A 101 7.81 -9.36 7.50
N GLY A 102 7.01 -10.41 7.34
CA GLY A 102 7.12 -11.22 6.15
C GLY A 102 6.84 -12.69 6.33
N ILE A 103 7.38 -13.47 5.40
N ILE A 103 7.36 -13.48 5.40
CA ILE A 103 7.08 -14.89 5.32
CA ILE A 103 7.04 -14.90 5.31
C ILE A 103 8.33 -15.69 5.65
C ILE A 103 8.29 -15.71 5.60
N LEU A 104 8.19 -16.68 6.53
CA LEU A 104 9.32 -17.51 6.95
C LEU A 104 9.20 -18.93 6.38
N ALA A 105 10.27 -19.45 5.79
CA ALA A 105 10.35 -20.85 5.41
C ALA A 105 10.69 -21.67 6.66
N PRO A 106 10.45 -22.99 6.63
CA PRO A 106 10.79 -23.78 7.82
C PRO A 106 12.27 -23.60 8.20
N GLY A 107 12.55 -23.44 9.49
CA GLY A 107 13.92 -23.28 9.94
C GLY A 107 14.35 -21.82 10.02
N GLU A 108 13.59 -20.91 9.44
CA GLU A 108 13.94 -19.49 9.57
C GLU A 108 13.29 -18.88 10.81
N THR A 109 13.93 -17.87 11.38
CA THR A 109 13.38 -17.17 12.53
C THR A 109 13.08 -15.71 12.22
N GLU A 110 13.77 -15.17 11.23
CA GLU A 110 13.56 -13.78 10.81
C GLU A 110 13.34 -13.75 9.30
N ALA A 111 12.46 -12.86 8.83
CA ALA A 111 12.22 -12.73 7.40
C ALA A 111 13.44 -12.14 6.71
N SER A 112 13.70 -12.61 5.50
CA SER A 112 14.92 -12.25 4.78
C SER A 112 14.64 -12.11 3.31
N GLY A 113 15.35 -11.17 2.68
CA GLY A 113 15.29 -11.09 1.23
C GLY A 113 13.88 -10.81 0.74
N ASP A 114 13.45 -11.51 -0.31
CA ASP A 114 12.08 -11.31 -0.83
C ASP A 114 11.02 -11.67 0.18
N GLY A 115 11.40 -12.41 1.21
CA GLY A 115 10.44 -12.80 2.22
C GLY A 115 10.18 -11.70 3.24
N ALA A 116 11.02 -10.67 3.24
CA ALA A 116 10.90 -9.59 4.22
C ALA A 116 10.20 -8.42 3.54
N VAL A 117 9.12 -7.92 4.14
CA VAL A 117 8.34 -6.89 3.47
C VAL A 117 7.85 -5.79 4.42
N ARG A 118 7.41 -4.66 3.83
CA ARG A 118 6.55 -3.73 4.59
C ARG A 118 5.19 -3.84 3.92
N ALA A 119 4.12 -3.74 4.72
CA ALA A 119 2.78 -3.94 4.14
C ALA A 119 1.86 -2.85 4.61
N SER A 120 0.97 -2.44 3.73
CA SER A 120 -0.08 -1.49 4.08
C SER A 120 -1.41 -2.24 4.13
N TRP A 121 -2.22 -1.84 5.13
CA TRP A 121 -3.50 -2.46 5.38
C TRP A 121 -4.48 -1.29 5.42
N LEU A 122 -5.19 -1.08 4.31
CA LEU A 122 -6.16 -0.01 4.24
C LEU A 122 -7.51 -0.64 4.55
N ALA A 123 -8.09 -0.24 5.67
CA ALA A 123 -9.24 -0.91 6.24
C ALA A 123 -10.42 0.04 6.22
N VAL A 124 -11.59 -0.51 5.91
N VAL A 124 -11.58 -0.51 5.85
CA VAL A 124 -12.83 0.27 5.80
CA VAL A 124 -12.83 0.23 5.85
C VAL A 124 -13.95 -0.45 6.55
C VAL A 124 -13.79 -0.48 6.76
N GLU A 125 -14.65 0.29 7.43
CA GLU A 125 -15.59 -0.32 8.34
C GLU A 125 -16.96 -0.44 7.68
N GLN A 126 -17.50 -1.65 7.68
CA GLN A 126 -18.86 -1.91 7.24
C GLN A 126 -19.56 -2.83 8.22
N ASP A 127 -20.80 -2.47 8.57
CA ASP A 127 -21.61 -3.29 9.44
C ASP A 127 -20.93 -3.50 10.78
N GLY A 128 -20.17 -2.51 11.21
CA GLY A 128 -19.43 -2.61 12.47
C GLY A 128 -18.17 -3.44 12.35
N GLN A 129 -17.94 -4.03 11.18
CA GLN A 129 -16.73 -4.83 10.96
C GLN A 129 -15.70 -4.11 10.11
N TRP A 130 -14.42 -4.18 10.51
CA TRP A 130 -13.35 -3.62 9.71
C TRP A 130 -12.86 -4.67 8.71
N ARG A 131 -12.83 -4.29 7.45
CA ARG A 131 -12.37 -5.21 6.42
C ARG A 131 -11.33 -4.55 5.55
N LEU A 132 -10.53 -5.36 4.86
CA LEU A 132 -9.42 -4.80 4.09
C LEU A 132 -9.88 -4.34 2.71
N ALA A 133 -9.81 -3.03 2.45
CA ALA A 133 -10.09 -2.52 1.10
C ALA A 133 -8.87 -2.75 0.21
N ALA A 134 -7.69 -2.69 0.81
CA ALA A 134 -6.45 -2.84 0.02
C ALA A 134 -5.30 -3.29 0.89
N TYR A 135 -4.64 -4.35 0.44
CA TYR A 135 -3.42 -4.80 1.07
C TYR A 135 -2.35 -4.66 0.02
N GLN A 136 -1.19 -4.15 0.40
CA GLN A 136 -0.06 -4.15 -0.55
C GLN A 136 1.26 -4.36 0.19
N ASN A 137 2.16 -5.18 -0.37
CA ASN A 137 3.44 -5.23 0.28
C ASN A 137 4.56 -4.98 -0.71
N SER A 138 5.68 -4.51 -0.17
CA SER A 138 6.89 -4.21 -0.90
C SER A 138 8.08 -4.77 -0.13
N PRO A 139 9.14 -5.20 -0.84
CA PRO A 139 10.29 -5.69 -0.07
C PRO A 139 10.83 -4.68 0.95
N ARG A 140 11.24 -5.18 2.11
N ARG A 140 11.20 -5.17 2.13
CA ARG A 140 11.78 -4.34 3.17
CA ARG A 140 11.80 -4.35 3.16
C ARG A 140 13.19 -3.81 2.84
C ARG A 140 13.19 -3.79 2.77
N GLY A 141 13.99 -4.62 2.14
CA GLY A 141 15.34 -4.20 1.79
C GLY A 141 16.23 -3.83 2.96
N ASN A 142 17.27 -3.06 2.67
CA ASN A 142 18.35 -2.76 3.62
C ASN A 142 19.04 -4.02 4.11
N ASP A 143 19.11 -5.05 3.25
CA ASP A 143 19.50 -6.39 3.66
C ASP A 143 20.25 -7.17 2.56
N ALA B 13 -19.17 14.61 -4.29
CA ALA B 13 -18.11 13.76 -3.75
C ALA B 13 -17.54 12.73 -4.73
N PRO B 14 -18.39 12.03 -5.51
CA PRO B 14 -17.81 11.11 -6.49
C PRO B 14 -17.04 11.81 -7.61
N ASP B 15 -17.62 12.86 -8.18
CA ASP B 15 -16.94 13.63 -9.23
C ASP B 15 -15.69 14.28 -8.67
N ALA B 16 -15.82 14.91 -7.50
CA ALA B 16 -14.71 15.56 -6.81
C ALA B 16 -13.58 14.58 -6.58
N ALA B 17 -13.93 13.38 -6.13
CA ALA B 17 -12.93 12.38 -5.86
C ALA B 17 -12.13 12.04 -7.11
N LEU B 18 -12.82 11.59 -8.15
CA LEU B 18 -12.18 11.00 -9.31
C LEU B 18 -11.15 11.91 -9.98
N ALA B 19 -11.46 13.20 -10.04
CA ALA B 19 -10.57 14.17 -10.65
C ALA B 19 -9.45 14.51 -9.69
N ALA B 20 -9.77 14.52 -8.40
CA ALA B 20 -8.76 14.73 -7.37
C ALA B 20 -7.68 13.67 -7.46
N VAL B 21 -8.06 12.39 -7.51
CA VAL B 21 -7.04 11.36 -7.58
C VAL B 21 -6.35 11.29 -8.95
N ALA B 22 -6.93 11.90 -9.98
CA ALA B 22 -6.20 12.05 -11.24
C ALA B 22 -5.14 13.14 -11.10
N ALA B 23 -5.44 14.13 -10.27
CA ALA B 23 -4.56 15.28 -10.14
C ALA B 23 -3.27 14.92 -9.44
N LEU B 24 -3.35 14.02 -8.45
CA LEU B 24 -2.18 13.76 -7.64
C LEU B 24 -1.04 13.15 -8.46
N PRO B 25 -1.31 12.10 -9.26
CA PRO B 25 -0.20 11.60 -10.08
C PRO B 25 0.32 12.61 -11.07
N ALA B 26 -0.56 13.40 -11.68
CA ALA B 26 -0.11 14.44 -12.60
C ALA B 26 0.92 15.35 -11.93
N ARG B 27 0.67 15.73 -10.67
CA ARG B 27 1.58 16.64 -9.98
C ARG B 27 2.91 15.98 -9.68
N ILE B 28 2.85 14.71 -9.33
CA ILE B 28 4.06 13.94 -9.07
C ILE B 28 4.89 13.79 -10.33
N VAL B 29 4.23 13.49 -11.46
CA VAL B 29 4.92 13.35 -12.74
C VAL B 29 5.59 14.69 -13.14
N ALA B 30 4.88 15.79 -12.92
CA ALA B 30 5.43 17.11 -13.25
C ALA B 30 6.64 17.43 -12.40
N ALA B 31 6.58 17.06 -11.12
CA ALA B 31 7.70 17.35 -10.22
C ALA B 31 8.90 16.49 -10.61
N TRP B 32 8.62 15.24 -10.98
CA TRP B 32 9.67 14.30 -11.38
C TRP B 32 10.36 14.77 -12.65
N ALA B 33 9.58 15.29 -13.58
CA ALA B 33 10.14 15.76 -14.84
C ALA B 33 11.17 16.87 -14.62
N ASP B 34 11.03 17.60 -13.51
CA ASP B 34 11.92 18.71 -13.19
C ASP B 34 12.85 18.35 -12.04
N HIS B 35 12.83 17.08 -11.68
CA HIS B 35 13.60 16.55 -10.58
C HIS B 35 13.56 17.49 -9.36
N ASP B 36 12.33 17.85 -9.01
CA ASP B 36 12.00 18.84 -8.00
C ASP B 36 11.40 18.19 -6.75
N ALA B 37 12.25 17.99 -5.74
CA ALA B 37 11.83 17.32 -4.51
C ALA B 37 10.81 18.14 -3.71
N ASP B 38 10.89 19.46 -3.81
CA ASP B 38 9.95 20.34 -3.10
C ASP B 38 8.51 20.15 -3.59
N ARG B 39 8.29 20.25 -4.90
CA ARG B 39 6.96 20.03 -5.43
C ARG B 39 6.52 18.58 -5.26
N PHE B 40 7.48 17.66 -5.29
CA PHE B 40 7.15 16.26 -5.07
C PHE B 40 6.59 16.07 -3.66
N ALA B 41 7.32 16.54 -2.67
CA ALA B 41 6.92 16.34 -1.29
C ALA B 41 5.62 17.09 -0.95
N ASP B 42 5.43 18.24 -1.58
CA ASP B 42 4.28 19.08 -1.27
C ASP B 42 2.95 18.40 -1.66
N VAL B 43 3.00 17.36 -2.48
CA VAL B 43 1.79 16.60 -2.81
C VAL B 43 1.30 15.77 -1.62
N PHE B 44 2.23 15.45 -0.72
CA PHE B 44 1.91 14.60 0.43
C PHE B 44 1.32 15.37 1.62
N ALA B 45 0.45 14.70 2.36
CA ALA B 45 0.00 15.22 3.64
C ALA B 45 1.23 15.37 4.55
N GLU B 46 1.08 16.18 5.60
CA GLU B 46 2.21 16.44 6.49
C GLU B 46 2.75 15.15 7.12
N ASP B 47 1.86 14.21 7.40
CA ASP B 47 2.26 12.94 8.00
C ASP B 47 2.12 11.78 7.01
N GLY B 48 2.20 12.12 5.73
CA GLY B 48 2.07 11.15 4.66
C GLY B 48 3.22 10.18 4.60
N THR B 49 2.99 9.03 3.98
CA THR B 49 4.02 7.99 3.90
C THR B 49 4.32 7.59 2.46
N ILE B 51 6.20 4.24 0.60
CA ILE B 51 6.84 2.94 0.75
C ILE B 51 7.24 2.42 -0.63
N LEU B 52 8.52 2.09 -0.80
CA LEU B 52 9.01 1.52 -2.06
C LEU B 52 9.75 0.27 -1.67
N PRO B 53 10.08 -0.59 -2.65
CA PRO B 53 11.01 -1.64 -2.22
C PRO B 53 12.26 -1.05 -1.59
N GLY B 54 12.59 -1.50 -0.39
CA GLY B 54 13.80 -1.00 0.24
C GLY B 54 13.69 0.37 0.86
N LEU B 55 12.48 0.91 1.03
CA LEU B 55 12.33 2.28 1.56
C LEU B 55 11.02 2.52 2.30
N PHE B 56 11.13 3.18 3.44
CA PHE B 56 9.95 3.72 4.12
C PHE B 56 10.30 5.13 4.58
N ARG B 57 9.51 6.10 4.16
CA ARG B 57 9.68 7.45 4.67
C ARG B 57 8.33 7.93 5.19
N LYS B 58 8.36 8.49 6.39
CA LYS B 58 7.16 9.01 7.06
C LYS B 58 7.30 10.53 7.27
N GLY B 59 6.34 11.29 6.75
CA GLY B 59 6.32 12.73 6.92
C GLY B 59 6.79 13.47 5.70
N ARG B 60 6.11 14.56 5.36
CA ARG B 60 6.47 15.36 4.19
C ARG B 60 7.93 15.81 4.17
N GLU B 61 8.47 16.21 5.32
CA GLU B 61 9.84 16.70 5.33
C GLU B 61 10.85 15.58 5.08
N ASN B 62 10.58 14.41 5.62
CA ASN B 62 11.43 13.26 5.35
C ASN B 62 11.34 12.78 3.91
N ILE B 63 10.16 12.91 3.32
CA ILE B 63 10.00 12.58 1.91
C ILE B 63 10.79 13.59 1.08
N ARG B 64 10.66 14.86 1.43
CA ARG B 64 11.38 15.92 0.75
C ARG B 64 12.92 15.69 0.72
N THR B 65 13.51 15.43 1.89
CA THR B 65 14.96 15.27 1.95
C THR B 65 15.38 14.01 1.21
N HIS B 66 14.55 12.96 1.27
CA HIS B 66 14.90 11.76 0.55
C HIS B 66 14.90 11.97 -0.96
N ALA B 68 15.21 14.75 -2.56
CA ALA B 68 16.29 15.65 -2.92
C ALA B 68 17.55 14.84 -3.24
N ALA B 69 17.86 13.84 -2.39
CA ALA B 69 19.03 13.02 -2.63
C ALA B 69 18.77 12.10 -3.82
N ALA B 70 17.56 11.56 -3.91
CA ALA B 70 17.27 10.56 -4.93
C ALA B 70 17.34 11.17 -6.32
N PHE B 71 16.83 12.39 -6.47
CA PHE B 71 16.87 13.07 -7.74
C PHE B 71 18.30 13.41 -8.16
N ALA B 72 19.16 13.61 -7.17
CA ALA B 72 20.55 13.93 -7.47
C ALA B 72 21.34 12.69 -7.83
N GLY B 73 20.82 11.52 -7.45
CA GLY B 73 21.53 10.26 -7.65
C GLY B 73 20.83 9.30 -8.60
N PRO B 74 20.20 8.27 -8.03
CA PRO B 74 19.59 7.14 -8.77
C PRO B 74 18.48 7.55 -9.74
N TYR B 75 17.77 8.64 -9.48
CA TYR B 75 16.66 9.03 -10.34
C TYR B 75 17.04 10.12 -11.31
N LYS B 76 18.31 10.51 -11.28
CA LYS B 76 18.78 11.54 -12.20
C LYS B 76 18.55 11.14 -13.65
N GLY B 77 17.92 12.02 -14.40
CA GLY B 77 17.71 11.79 -15.82
C GLY B 77 16.61 10.79 -16.16
N THR B 78 15.81 10.39 -15.19
CA THR B 78 14.75 9.43 -15.45
C THR B 78 13.41 10.12 -15.67
N ARG B 79 12.44 9.40 -16.21
N ARG B 79 12.43 9.39 -16.18
CA ARG B 79 11.09 9.94 -16.36
CA ARG B 79 11.09 9.95 -16.31
C ARG B 79 10.11 8.93 -15.81
C ARG B 79 10.09 8.90 -15.89
N VAL B 80 8.88 9.37 -15.54
CA VAL B 80 7.84 8.51 -14.98
C VAL B 80 6.76 8.28 -16.01
N ILE B 81 6.24 7.05 -16.11
CA ILE B 81 5.10 6.80 -16.99
C ILE B 81 4.06 6.06 -16.16
N GLY B 82 2.80 6.13 -16.58
CA GLY B 82 1.77 5.45 -15.81
C GLY B 82 0.37 5.58 -16.38
N SER B 83 -0.46 4.60 -16.01
CA SER B 83 -1.85 4.59 -16.43
C SER B 83 -2.66 4.00 -15.29
N PRO B 84 -3.90 4.48 -15.08
CA PRO B 84 -4.72 3.99 -13.97
C PRO B 84 -5.31 2.62 -14.23
N ILE B 85 -5.37 1.78 -13.21
CA ILE B 85 -5.98 0.46 -13.31
C ILE B 85 -7.16 0.24 -12.37
N ASP B 86 -7.26 1.04 -11.31
CA ASP B 86 -8.43 0.92 -10.43
C ASP B 86 -8.62 2.22 -9.67
N ALA B 87 -9.87 2.62 -9.42
CA ALA B 87 -10.10 3.78 -8.56
C ALA B 87 -11.35 3.55 -7.77
N ARG B 88 -11.26 3.81 -6.47
CA ARG B 88 -12.39 3.62 -5.57
C ARG B 88 -12.55 4.78 -4.58
N LEU B 89 -13.79 5.22 -4.39
CA LEU B 89 -14.13 6.14 -3.30
C LEU B 89 -14.37 5.33 -2.03
N LEU B 90 -13.66 5.65 -0.95
CA LEU B 90 -13.75 4.88 0.28
C LEU B 90 -14.64 5.58 1.29
N GLY B 91 -14.80 6.89 1.11
CA GLY B 91 -15.68 7.67 1.95
C GLY B 91 -15.60 9.12 1.53
N ASP B 92 -16.30 10.00 2.24
CA ASP B 92 -16.26 11.42 1.92
C ASP B 92 -14.82 11.90 2.03
N GLY B 93 -14.30 12.40 0.92
CA GLY B 93 -12.97 13.01 0.92
C GLY B 93 -11.82 12.02 0.98
N ILE B 94 -12.08 10.73 0.77
CA ILE B 94 -11.01 9.72 0.76
C ILE B 94 -11.14 8.76 -0.43
N ALA B 95 -10.08 8.66 -1.24
CA ALA B 95 -10.12 7.83 -2.44
C ALA B 95 -8.82 7.08 -2.62
N LEU B 96 -8.89 5.95 -3.31
CA LEU B 96 -7.69 5.15 -3.58
C LEU B 96 -7.59 4.96 -5.09
N LEU B 97 -6.44 5.31 -5.67
CA LEU B 97 -6.17 5.06 -7.07
C LEU B 97 -5.07 4.05 -7.16
N ILE B 98 -5.18 3.11 -8.10
CA ILE B 98 -4.08 2.17 -8.36
C ILE B 98 -3.63 2.39 -9.79
N THR B 99 -2.33 2.53 -10.00
CA THR B 99 -1.81 2.72 -11.35
C THR B 99 -0.75 1.66 -11.65
N GLU B 100 -0.41 1.50 -12.92
CA GLU B 100 0.77 0.73 -13.32
C GLU B 100 1.66 1.58 -14.24
N GLY B 101 2.96 1.32 -14.22
CA GLY B 101 3.88 2.11 -15.05
C GLY B 101 5.24 1.97 -14.46
N GLY B 102 5.92 3.09 -14.26
CA GLY B 102 7.21 3.05 -13.58
C GLY B 102 8.17 4.10 -14.09
N ILE B 103 9.45 3.78 -13.94
CA ILE B 103 10.52 4.73 -14.19
C ILE B 103 11.36 4.28 -15.37
N LEU B 104 11.57 5.18 -16.32
CA LEU B 104 12.36 4.89 -17.51
C LEU B 104 13.71 5.58 -17.46
N ALA B 105 14.76 4.83 -17.78
CA ALA B 105 16.11 5.37 -17.99
C ALA B 105 16.18 5.88 -19.42
N PRO B 106 17.16 6.75 -19.72
CA PRO B 106 17.29 7.22 -21.11
C PRO B 106 17.38 6.07 -22.09
N GLY B 107 16.65 6.18 -23.20
CA GLY B 107 16.67 5.15 -24.21
C GLY B 107 15.54 4.14 -24.06
N GLU B 108 14.97 4.03 -22.86
CA GLU B 108 13.87 3.10 -22.64
C GLU B 108 12.53 3.69 -23.08
N THR B 109 11.64 2.83 -23.58
CA THR B 109 10.29 3.28 -23.93
C THR B 109 9.21 2.66 -23.05
N GLU B 110 9.52 1.51 -22.45
CA GLU B 110 8.57 0.82 -21.58
C GLU B 110 9.27 0.46 -20.28
N ALA B 111 8.57 0.55 -19.16
CA ALA B 111 9.16 0.23 -17.87
C ALA B 111 9.48 -1.25 -17.79
N SER B 112 10.60 -1.59 -17.17
CA SER B 112 11.01 -3.00 -17.08
C SER B 112 11.67 -3.32 -15.77
N GLY B 113 11.56 -4.59 -15.37
CA GLY B 113 12.21 -5.08 -14.18
C GLY B 113 11.82 -4.27 -12.98
N ASP B 114 12.81 -3.85 -12.18
CA ASP B 114 12.51 -3.10 -10.96
C ASP B 114 11.99 -1.73 -11.28
N GLY B 115 12.12 -1.32 -12.54
CA GLY B 115 11.56 -0.05 -12.94
C GLY B 115 10.08 -0.12 -13.22
N ALA B 116 9.53 -1.33 -13.34
CA ALA B 116 8.10 -1.50 -13.67
C ALA B 116 7.36 -1.82 -12.39
N VAL B 117 6.34 -1.00 -12.08
CA VAL B 117 5.66 -1.13 -10.81
C VAL B 117 4.14 -0.98 -10.93
N ARG B 118 3.45 -1.43 -9.88
CA ARG B 118 2.07 -0.98 -9.60
C ARG B 118 2.16 -0.10 -8.37
N ALA B 119 1.42 1.01 -8.39
CA ALA B 119 1.45 1.97 -7.30
C ALA B 119 0.06 2.26 -6.78
N SER B 120 -0.04 2.42 -5.46
CA SER B 120 -1.29 2.86 -4.84
C SER B 120 -1.13 4.29 -4.36
N TRP B 121 -2.20 5.06 -4.54
CA TRP B 121 -2.23 6.47 -4.20
C TRP B 121 -3.46 6.70 -3.32
N LEU B 122 -3.24 6.88 -2.02
CA LEU B 122 -4.35 7.10 -1.11
C LEU B 122 -4.48 8.60 -0.90
N ALA B 123 -5.56 9.16 -1.42
CA ALA B 123 -5.78 10.59 -1.43
C ALA B 123 -6.80 10.97 -0.35
N VAL B 124 -6.48 12.02 0.40
CA VAL B 124 -7.37 12.52 1.44
C VAL B 124 -7.61 13.99 1.24
N GLU B 125 -8.84 14.42 1.43
CA GLU B 125 -9.15 15.83 1.31
C GLU B 125 -8.93 16.48 2.66
N GLN B 126 -8.00 17.45 2.68
CA GLN B 126 -7.69 18.21 3.89
C GLN B 126 -7.73 19.68 3.51
N ASP B 127 -8.35 20.49 4.37
CA ASP B 127 -8.47 21.92 4.12
C ASP B 127 -8.97 22.21 2.71
N GLY B 128 -10.01 21.48 2.30
CA GLY B 128 -10.60 21.65 0.98
C GLY B 128 -9.66 21.33 -0.17
N GLN B 129 -8.56 20.66 0.14
CA GLN B 129 -7.57 20.27 -0.85
C GLN B 129 -7.20 18.80 -0.70
N TRP B 130 -6.97 18.12 -1.82
CA TRP B 130 -6.57 16.72 -1.74
C TRP B 130 -5.06 16.55 -1.67
N ARG B 131 -4.62 15.69 -0.76
CA ARG B 131 -3.20 15.41 -0.62
C ARG B 131 -2.99 13.91 -0.54
N LEU B 132 -1.76 13.48 -0.76
CA LEU B 132 -1.46 12.06 -0.69
C LEU B 132 -1.17 11.64 0.74
N ALA B 133 -2.03 10.82 1.31
CA ALA B 133 -1.78 10.28 2.63
C ALA B 133 -0.77 9.15 2.55
N ALA B 134 -0.78 8.41 1.44
CA ALA B 134 0.12 7.28 1.31
C ALA B 134 0.36 6.91 -0.15
N TYR B 135 1.62 6.73 -0.51
CA TYR B 135 2.00 6.23 -1.80
C TYR B 135 2.77 4.95 -1.54
N GLN B 136 2.53 3.90 -2.34
CA GLN B 136 3.38 2.69 -2.25
C GLN B 136 3.53 2.05 -3.59
N ASN B 137 4.72 1.56 -3.93
CA ASN B 137 4.82 0.79 -5.14
C ASN B 137 5.45 -0.57 -4.89
N SER B 138 5.13 -1.51 -5.78
CA SER B 138 5.64 -2.88 -5.77
C SER B 138 5.97 -3.25 -7.21
N PRO B 139 6.98 -4.09 -7.43
CA PRO B 139 7.27 -4.49 -8.79
C PRO B 139 6.08 -5.11 -9.53
N ARG B 140 5.94 -4.79 -10.81
CA ARG B 140 4.82 -5.31 -11.60
C ARG B 140 5.01 -6.79 -11.90
N GLY B 141 6.24 -7.18 -12.24
CA GLY B 141 6.53 -8.57 -12.56
C GLY B 141 5.79 -9.08 -13.76
N ASN B 142 5.68 -10.41 -13.84
CA ASN B 142 5.25 -11.13 -15.05
C ASN B 142 6.16 -10.85 -16.27
N ASP B 143 7.46 -10.78 -16.01
CA ASP B 143 8.41 -10.16 -16.95
C ASP B 143 9.86 -10.60 -16.71
#